data_9M17
#
_entry.id   9M17
#
_cell.length_a   151.710
_cell.length_b   44.840
_cell.length_c   42.190
_cell.angle_alpha   90.000
_cell.angle_beta   96.748
_cell.angle_gamma   90.000
#
_symmetry.space_group_name_H-M   'C 1 2 1'
#
loop_
_entity.id
_entity.type
_entity.pdbx_description
1 polymer 'Vitamin D3 receptor'
2 polymer 'Mediator of RNA polymerase II transcription subunit 1'
3 non-polymer '(4~{S})-5-[4-[[4-(2-ethyl-2-oxidanyl-butoxy)-3,5-dimethyl-phenyl]-dimethyl-silyl]-2,6-dimethyl-phenoxy]-4-oxidanyl-pentanoic acid'
4 water water
#
loop_
_entity_poly.entity_id
_entity_poly.type
_entity_poly.pdbx_seq_one_letter_code
_entity_poly.pdbx_strand_id
1 'polypeptide(L)'
;GSHMGSPNSPLKDSLRPKLSEEQQHIIAILLDAHHKTYDPTYADFRDFRPPVRMDGSTGSVTLDLSPLSMLPHLADLVSY
SIQKVIGFAKMIPGFRDLTSDDQIVLLKSSAIEVIMLRSNQSFTMDDMSWDCGSQDYKYDVTDVSKAGHTLELIEPLIKF
QVGLKKLNLHEEEHVLLMAICIVSPDRPGVQDAKLVEAIQDRLSNTLQTYIRCRHPPPGSHQLYAKMIQKLADLRSLNEE
HSKQYRSLSFQPENSMKLTPLVLEVFGNEIS
;
A
2 'polypeptide(L)' KNHPMLMNLLKDN C
#
loop_
_chem_comp.id
_chem_comp.type
_chem_comp.name
_chem_comp.formula
A1L75 non-polymer '(4~{S})-5-[4-[[4-(2-ethyl-2-oxidanyl-butoxy)-3,5-dimethyl-phenyl]-dimethyl-silyl]-2,6-dimethyl-phenoxy]-4-oxidanyl-pentanoic acid' 'C29 H44 O6 Si'
#
# COMPACT_ATOMS: atom_id res chain seq x y z
N LYS A 18 -23.26 -4.52 18.98
CA LYS A 18 -21.80 -4.53 18.90
C LYS A 18 -21.28 -3.53 17.86
N LEU A 19 -21.31 -3.89 16.58
CA LEU A 19 -20.97 -2.96 15.51
C LEU A 19 -22.12 -1.98 15.30
N SER A 20 -21.87 -0.69 15.50
CA SER A 20 -22.90 0.33 15.32
C SER A 20 -23.26 0.49 13.85
N GLU A 21 -24.34 1.23 13.58
N GLU A 21 -24.35 1.20 13.59
CA GLU A 21 -24.74 1.48 12.20
CA GLU A 21 -24.73 1.47 12.20
C GLU A 21 -23.67 2.29 11.46
C GLU A 21 -23.63 2.26 11.47
N GLU A 22 -23.01 3.21 12.16
CA GLU A 22 -21.92 3.98 11.54
C GLU A 22 -20.73 3.09 11.23
N GLN A 23 -20.40 2.16 12.13
CA GLN A 23 -19.27 1.27 11.87
C GLN A 23 -19.57 0.33 10.71
N GLN A 24 -20.79 -0.19 10.61
CA GLN A 24 -21.18 -0.99 9.45
C GLN A 24 -21.08 -0.18 8.16
N HIS A 25 -21.50 1.09 8.23
CA HIS A 25 -21.41 2.00 7.09
C HIS A 25 -19.97 2.12 6.59
N ILE A 26 -19.05 2.43 7.51
CA ILE A 26 -17.64 2.59 7.15
C ILE A 26 -17.10 1.33 6.48
N ILE A 27 -17.38 0.18 7.06
CA ILE A 27 -16.89 -1.07 6.50
C ILE A 27 -17.47 -1.32 5.13
N ALA A 28 -18.76 -1.04 4.94
CA ALA A 28 -19.37 -1.21 3.62
C ALA A 28 -18.71 -0.31 2.61
N ILE A 29 -18.43 0.94 3.00
CA ILE A 29 -17.82 1.89 2.07
C ILE A 29 -16.42 1.45 1.70
N LEU A 30 -15.64 0.99 2.68
CA LEU A 30 -14.25 0.61 2.39
C LEU A 30 -14.18 -0.67 1.57
N LEU A 31 -15.08 -1.61 1.82
CA LEU A 31 -15.14 -2.82 1.00
C LEU A 31 -15.45 -2.49 -0.43
N ASP A 32 -16.46 -1.62 -0.65
CA ASP A 32 -16.80 -1.19 -2.01
C ASP A 32 -15.65 -0.46 -2.67
N ALA A 33 -14.97 0.46 -1.95
CA ALA A 33 -13.82 1.16 -2.50
C ALA A 33 -12.75 0.19 -2.99
N HIS A 34 -12.52 -0.87 -2.23
CA HIS A 34 -11.53 -1.87 -2.60
C HIS A 34 -11.99 -2.67 -3.81
N HIS A 35 -13.27 -3.03 -3.85
CA HIS A 35 -13.79 -3.76 -5.00
C HIS A 35 -13.70 -2.93 -6.26
N LYS A 36 -13.76 -1.61 -6.15
CA LYS A 36 -13.68 -0.73 -7.30
C LYS A 36 -12.25 -0.41 -7.73
N THR A 37 -11.25 -0.71 -6.91
CA THR A 37 -9.87 -0.36 -7.21
C THR A 37 -8.88 -1.52 -7.18
N TYR A 38 -9.30 -2.73 -6.81
CA TYR A 38 -8.43 -3.90 -6.93
C TYR A 38 -9.12 -4.85 -7.90
N ASP A 39 -8.45 -5.11 -9.03
CA ASP A 39 -8.98 -5.98 -10.06
C ASP A 39 -8.32 -7.34 -9.94
N PRO A 40 -9.00 -8.35 -9.40
CA PRO A 40 -8.39 -9.67 -9.22
C PRO A 40 -8.30 -10.49 -10.49
N THR A 41 -8.77 -9.97 -11.63
CA THR A 41 -8.47 -10.62 -12.90
C THR A 41 -7.10 -10.21 -13.41
N TYR A 42 -6.55 -9.09 -12.94
CA TYR A 42 -5.25 -8.60 -13.37
C TYR A 42 -5.21 -8.35 -14.88
N ALA A 43 -6.39 -8.08 -15.45
CA ALA A 43 -6.50 -7.93 -16.90
C ALA A 43 -5.64 -6.81 -17.44
N ASP A 44 -5.43 -5.75 -16.66
CA ASP A 44 -4.67 -4.64 -17.24
C ASP A 44 -3.19 -4.93 -17.38
N PHE A 45 -2.67 -6.02 -16.79
CA PHE A 45 -1.23 -6.28 -16.84
C PHE A 45 -0.74 -6.42 -18.27
N ARG A 46 -1.61 -6.83 -19.20
CA ARG A 46 -1.21 -6.96 -20.59
C ARG A 46 -0.89 -5.61 -21.23
N ASP A 47 -1.30 -4.50 -20.61
CA ASP A 47 -0.98 -3.19 -21.16
C ASP A 47 0.38 -2.68 -20.73
N PHE A 48 1.02 -3.35 -19.78
CA PHE A 48 2.34 -2.93 -19.31
C PHE A 48 3.42 -3.32 -20.30
N ARG A 49 4.58 -2.68 -20.16
CA ARG A 49 5.74 -3.19 -20.85
C ARG A 49 5.98 -4.61 -20.37
N PRO A 50 6.38 -5.53 -21.27
CA PRO A 50 6.32 -6.94 -20.91
C PRO A 50 7.41 -7.31 -19.92
N PRO A 51 7.19 -8.36 -19.14
CA PRO A 51 8.27 -8.87 -18.29
C PRO A 51 9.31 -9.55 -19.17
N VAL A 52 10.58 -9.38 -18.81
CA VAL A 52 11.68 -10.05 -19.50
C VAL A 52 12.52 -10.73 -18.43
N ARG A 53 12.73 -12.04 -18.58
CA ARG A 53 13.49 -12.77 -17.59
C ARG A 53 14.81 -13.28 -18.16
N SER A 66 20.10 -6.17 -20.45
CA SER A 66 19.61 -5.64 -19.19
C SER A 66 20.05 -6.50 -18.00
N PRO A 67 20.62 -5.87 -16.97
CA PRO A 67 20.69 -6.52 -15.66
C PRO A 67 19.37 -6.31 -14.93
N LEU A 68 18.83 -5.10 -15.01
CA LEU A 68 17.52 -4.79 -14.44
C LEU A 68 16.39 -5.07 -15.45
N SER A 69 16.32 -6.33 -15.90
CA SER A 69 15.43 -6.64 -17.01
C SER A 69 13.96 -6.56 -16.63
N MET A 70 13.63 -6.63 -15.34
CA MET A 70 12.24 -6.56 -14.92
C MET A 70 11.82 -5.16 -14.53
N LEU A 71 12.69 -4.18 -14.63
CA LEU A 71 12.29 -2.86 -14.12
C LEU A 71 11.23 -2.18 -15.00
N PRO A 72 11.28 -2.25 -16.34
CA PRO A 72 10.15 -1.70 -17.12
C PRO A 72 8.81 -2.28 -16.70
N HIS A 73 8.67 -3.60 -16.65
CA HIS A 73 7.40 -4.21 -16.28
C HIS A 73 6.96 -3.82 -14.88
N LEU A 74 7.85 -3.96 -13.91
CA LEU A 74 7.43 -3.74 -12.52
C LEU A 74 7.30 -2.26 -12.18
N ALA A 75 7.97 -1.37 -12.92
CA ALA A 75 7.69 0.06 -12.78
C ALA A 75 6.29 0.38 -13.31
N ASP A 76 5.88 -0.26 -14.40
CA ASP A 76 4.52 -0.03 -14.89
C ASP A 76 3.49 -0.56 -13.91
N LEU A 77 3.74 -1.74 -13.36
CA LEU A 77 2.83 -2.32 -12.38
C LEU A 77 2.73 -1.45 -11.14
N VAL A 78 3.88 -1.01 -10.61
CA VAL A 78 3.85 -0.16 -9.43
C VAL A 78 3.13 1.15 -9.74
N SER A 79 3.36 1.73 -10.93
CA SER A 79 2.75 3.03 -11.23
C SER A 79 1.23 2.88 -11.35
N TYR A 80 0.78 1.77 -11.96
CA TYR A 80 -0.64 1.42 -12.01
C TYR A 80 -1.23 1.29 -10.61
N SER A 81 -0.51 0.59 -9.74
CA SER A 81 -0.96 0.40 -8.37
C SER A 81 -1.08 1.72 -7.64
N ILE A 82 -0.14 2.64 -7.86
CA ILE A 82 -0.27 3.96 -7.23
C ILE A 82 -1.61 4.58 -7.62
N GLN A 83 -1.97 4.49 -8.89
CA GLN A 83 -3.24 5.07 -9.33
C GLN A 83 -4.42 4.46 -8.58
N LYS A 84 -4.39 3.14 -8.38
CA LYS A 84 -5.46 2.46 -7.65
C LYS A 84 -5.49 2.86 -6.18
N VAL A 85 -4.32 3.05 -5.58
CA VAL A 85 -4.26 3.48 -4.18
C VAL A 85 -4.88 4.87 -4.03
N ILE A 86 -4.63 5.75 -4.98
CA ILE A 86 -5.25 7.08 -4.95
C ILE A 86 -6.76 6.94 -5.06
N GLY A 87 -7.22 6.04 -5.93
CA GLY A 87 -8.67 5.86 -6.06
C GLY A 87 -9.29 5.31 -4.78
N PHE A 88 -8.63 4.35 -4.14
CA PHE A 88 -9.09 3.85 -2.85
C PHE A 88 -9.13 4.96 -1.81
N ALA A 89 -8.01 5.69 -1.67
CA ALA A 89 -7.90 6.73 -0.64
C ALA A 89 -9.02 7.74 -0.75
N LYS A 90 -9.38 8.11 -1.98
CA LYS A 90 -10.41 9.13 -2.14
C LYS A 90 -11.74 8.69 -1.54
N MET A 91 -12.00 7.39 -1.44
CA MET A 91 -13.26 6.90 -0.91
C MET A 91 -13.23 6.63 0.59
N ILE A 92 -12.09 6.85 1.26
CA ILE A 92 -12.06 6.65 2.71
C ILE A 92 -12.91 7.73 3.36
N PRO A 93 -13.88 7.37 4.22
CA PRO A 93 -14.75 8.40 4.81
C PRO A 93 -13.89 9.40 5.56
N GLY A 94 -14.05 10.66 5.20
CA GLY A 94 -13.33 11.73 5.83
C GLY A 94 -12.14 12.23 5.04
N PHE A 95 -11.59 11.41 4.13
CA PHE A 95 -10.38 11.83 3.42
C PHE A 95 -10.65 13.09 2.61
N ARG A 96 -11.87 13.19 2.04
CA ARG A 96 -12.34 14.41 1.35
C ARG A 96 -12.29 15.64 2.24
N ASP A 97 -12.45 15.50 3.54
CA ASP A 97 -12.47 16.68 4.39
C ASP A 97 -11.09 17.30 4.57
N LEU A 98 -10.04 16.59 4.19
CA LEU A 98 -8.69 17.11 4.30
C LEU A 98 -8.39 18.11 3.19
N THR A 99 -7.45 18.99 3.48
CA THR A 99 -6.99 19.90 2.43
C THR A 99 -6.25 19.10 1.38
N SER A 100 -6.15 19.70 0.19
CA SER A 100 -5.41 19.07 -0.89
C SER A 100 -3.95 18.84 -0.49
N ASP A 101 -3.35 19.79 0.24
CA ASP A 101 -1.97 19.59 0.69
C ASP A 101 -1.85 18.33 1.55
N ASP A 102 -2.73 18.18 2.55
CA ASP A 102 -2.67 17.02 3.43
C ASP A 102 -3.02 15.75 2.67
N GLN A 103 -3.93 15.82 1.70
CA GLN A 103 -4.19 14.63 0.90
C GLN A 103 -2.94 14.18 0.16
N ILE A 104 -2.21 15.13 -0.41
CA ILE A 104 -1.04 14.78 -1.19
C ILE A 104 0.04 14.18 -0.29
N VAL A 105 0.31 14.82 0.86
CA VAL A 105 1.37 14.30 1.71
C VAL A 105 1.03 12.92 2.23
N LEU A 106 -0.26 12.67 2.55
CA LEU A 106 -0.60 11.34 3.07
C LEU A 106 -0.40 10.27 2.00
N LEU A 107 -0.81 10.58 0.77
CA LEU A 107 -0.65 9.64 -0.34
C LEU A 107 0.82 9.43 -0.68
N LYS A 108 1.59 10.52 -0.75
CA LYS A 108 3.02 10.39 -1.05
C LYS A 108 3.72 9.52 -0.01
N SER A 109 3.38 9.71 1.26
N SER A 109 3.36 9.68 1.26
CA SER A 109 4.08 8.95 2.31
CA SER A 109 4.07 9.00 2.32
C SER A 109 3.65 7.50 2.34
C SER A 109 3.54 7.61 2.61
N SER A 110 2.36 7.24 2.10
CA SER A 110 1.80 5.91 2.34
C SER A 110 1.77 5.02 1.09
N ALA A 111 1.95 5.57 -0.12
CA ALA A 111 1.70 4.80 -1.33
C ALA A 111 2.45 3.49 -1.32
N ILE A 112 3.75 3.55 -1.01
CA ILE A 112 4.58 2.34 -1.00
C ILE A 112 4.08 1.32 0.02
N GLU A 113 3.66 1.79 1.18
CA GLU A 113 3.17 0.85 2.20
C GLU A 113 1.87 0.18 1.77
N VAL A 114 0.91 0.97 1.26
CA VAL A 114 -0.34 0.38 0.80
C VAL A 114 -0.11 -0.57 -0.36
N ILE A 115 0.87 -0.28 -1.23
CA ILE A 115 1.23 -1.22 -2.28
C ILE A 115 1.73 -2.51 -1.68
N MET A 116 2.58 -2.43 -0.65
CA MET A 116 3.08 -3.66 -0.03
C MET A 116 1.94 -4.42 0.64
N LEU A 117 1.03 -3.69 1.30
CA LEU A 117 -0.12 -4.34 1.95
C LEU A 117 -1.06 -4.95 0.91
N ARG A 118 -1.45 -4.18 -0.10
CA ARG A 118 -2.46 -4.71 -1.02
C ARG A 118 -1.90 -5.82 -1.89
N SER A 119 -0.58 -5.85 -2.13
CA SER A 119 -0.02 -6.95 -2.87
C SER A 119 -0.11 -8.27 -2.12
N ASN A 120 -0.43 -8.26 -0.82
CA ASN A 120 -0.52 -9.53 -0.11
C ASN A 120 -1.68 -10.39 -0.61
N GLN A 121 -2.67 -9.78 -1.24
CA GLN A 121 -3.81 -10.54 -1.76
C GLN A 121 -3.40 -11.48 -2.88
N SER A 122 -2.34 -11.16 -3.63
CA SER A 122 -1.81 -12.05 -4.64
C SER A 122 -0.63 -12.90 -4.15
N PHE A 123 -0.10 -12.61 -2.96
CA PHE A 123 0.97 -13.41 -2.41
C PHE A 123 0.52 -14.83 -2.12
N THR A 124 1.40 -15.79 -2.37
CA THR A 124 1.09 -17.19 -2.11
C THR A 124 2.24 -17.87 -1.36
N MET A 125 1.86 -18.67 -0.38
CA MET A 125 2.79 -19.38 0.49
C MET A 125 3.43 -20.61 -0.15
N ASP A 126 2.95 -21.01 -1.34
CA ASP A 126 3.57 -22.12 -2.07
C ASP A 126 5.07 -21.89 -2.22
N ASP A 127 5.42 -20.92 -3.06
CA ASP A 127 6.81 -20.64 -3.39
C ASP A 127 7.23 -19.26 -2.95
N MET A 128 6.47 -18.63 -2.05
CA MET A 128 6.83 -17.30 -1.55
C MET A 128 6.92 -16.30 -2.69
N SER A 129 5.86 -16.21 -3.48
CA SER A 129 5.85 -15.37 -4.67
C SER A 129 4.49 -14.70 -4.81
N TRP A 130 4.42 -13.71 -5.71
CA TRP A 130 3.17 -13.00 -5.98
C TRP A 130 2.58 -13.52 -7.29
N ASP A 131 1.43 -14.17 -7.23
CA ASP A 131 0.88 -14.91 -8.36
C ASP A 131 -0.30 -14.14 -8.91
N CYS A 132 -0.12 -13.53 -10.07
CA CYS A 132 -1.14 -12.67 -10.68
C CYS A 132 -1.81 -13.33 -11.89
N GLY A 133 -2.02 -14.64 -11.82
CA GLY A 133 -2.92 -15.33 -12.73
C GLY A 133 -2.26 -16.07 -13.85
N SER A 134 -0.96 -15.91 -14.05
CA SER A 134 -0.24 -16.59 -15.12
C SER A 134 1.24 -16.59 -14.80
N GLN A 135 1.98 -17.48 -15.45
CA GLN A 135 3.40 -17.60 -15.16
C GLN A 135 4.15 -16.33 -15.55
N ASP A 136 3.79 -15.74 -16.68
CA ASP A 136 4.36 -14.44 -17.06
C ASP A 136 4.19 -13.42 -15.95
N TYR A 137 3.00 -13.36 -15.37
CA TYR A 137 2.71 -12.39 -14.30
C TYR A 137 2.72 -13.04 -12.92
N LYS A 138 3.82 -13.73 -12.63
CA LYS A 138 4.10 -14.30 -11.31
C LYS A 138 5.51 -13.90 -10.93
N TYR A 139 5.68 -13.33 -9.73
CA TYR A 139 6.90 -12.62 -9.39
C TYR A 139 7.53 -13.16 -8.12
N ASP A 140 8.81 -13.51 -8.20
CA ASP A 140 9.52 -14.05 -7.05
C ASP A 140 10.62 -13.09 -6.62
N VAL A 141 11.43 -13.54 -5.66
CA VAL A 141 12.48 -12.69 -5.12
C VAL A 141 13.44 -12.26 -6.22
N THR A 142 13.72 -13.15 -7.17
CA THR A 142 14.67 -12.82 -8.23
C THR A 142 14.08 -11.80 -9.19
N ASP A 143 12.78 -11.89 -9.47
CA ASP A 143 12.14 -10.84 -10.26
C ASP A 143 12.28 -9.48 -9.61
N VAL A 144 12.06 -9.39 -8.30
CA VAL A 144 12.17 -8.09 -7.63
C VAL A 144 13.63 -7.62 -7.65
N SER A 145 14.58 -8.54 -7.53
N SER A 145 14.58 -8.55 -7.52
CA SER A 145 15.98 -8.14 -7.62
CA SER A 145 15.98 -8.18 -7.64
C SER A 145 16.32 -7.67 -9.04
C SER A 145 16.29 -7.65 -9.04
N LYS A 146 15.65 -8.22 -10.06
CA LYS A 146 15.84 -7.76 -11.45
C LYS A 146 15.12 -6.43 -11.75
N ALA A 147 14.55 -5.79 -10.73
CA ALA A 147 14.10 -4.40 -10.80
C ALA A 147 14.99 -3.49 -10.00
N GLY A 148 16.03 -4.02 -9.34
CA GLY A 148 17.05 -3.19 -8.73
C GLY A 148 17.18 -3.28 -7.23
N HIS A 149 16.22 -3.89 -6.53
CA HIS A 149 16.29 -3.98 -5.08
C HIS A 149 17.10 -5.19 -4.63
N THR A 150 17.68 -5.05 -3.46
CA THR A 150 18.54 -6.06 -2.83
C THR A 150 17.77 -6.73 -1.71
N LEU A 151 18.38 -7.77 -1.14
CA LEU A 151 17.75 -8.52 -0.06
C LEU A 151 17.60 -7.69 1.20
N GLU A 152 18.40 -6.62 1.36
CA GLU A 152 18.14 -5.62 2.40
C GLU A 152 16.68 -5.22 2.48
N LEU A 153 16.02 -5.11 1.33
CA LEU A 153 14.60 -4.85 1.29
C LEU A 153 13.78 -6.11 1.12
N ILE A 154 14.22 -7.02 0.25
CA ILE A 154 13.34 -8.10 -0.18
C ILE A 154 13.14 -9.13 0.93
N GLU A 155 14.21 -9.43 1.68
CA GLU A 155 14.07 -10.40 2.77
C GLU A 155 13.04 -9.94 3.80
N PRO A 156 13.12 -8.72 4.34
CA PRO A 156 12.04 -8.27 5.26
C PRO A 156 10.68 -8.15 4.58
N LEU A 157 10.64 -7.85 3.28
CA LEU A 157 9.37 -7.77 2.56
C LEU A 157 8.70 -9.13 2.48
N ILE A 158 9.46 -10.18 2.20
CA ILE A 158 8.90 -11.53 2.23
C ILE A 158 8.50 -11.93 3.64
N LYS A 159 9.32 -11.58 4.61
CA LYS A 159 8.98 -11.92 6.01
C LYS A 159 7.65 -11.21 6.34
N PHE A 160 7.51 -9.97 5.91
CA PHE A 160 6.28 -9.22 6.12
C PHE A 160 5.09 -9.92 5.48
N GLN A 161 5.24 -10.32 4.20
CA GLN A 161 4.13 -10.95 3.49
C GLN A 161 3.71 -12.27 4.14
N VAL A 162 4.69 -13.06 4.56
CA VAL A 162 4.40 -14.31 5.25
C VAL A 162 3.62 -14.04 6.54
N GLY A 163 4.11 -13.09 7.34
CA GLY A 163 3.46 -12.83 8.62
C GLY A 163 2.08 -12.26 8.45
N LEU A 164 1.88 -11.38 7.46
CA LEU A 164 0.53 -10.88 7.19
C LEU A 164 -0.39 -12.00 6.74
N LYS A 165 0.12 -12.89 5.87
CA LYS A 165 -0.68 -14.02 5.41
C LYS A 165 -1.10 -14.89 6.58
N LYS A 166 -0.19 -15.15 7.51
CA LYS A 166 -0.52 -15.99 8.66
C LYS A 166 -1.56 -15.33 9.57
N LEU A 167 -1.79 -14.02 9.48
CA LEU A 167 -2.87 -13.41 10.27
C LEU A 167 -4.25 -13.82 9.77
N ASN A 168 -4.34 -14.24 8.51
CA ASN A 168 -5.60 -14.74 7.96
C ASN A 168 -6.73 -13.72 8.10
N LEU A 169 -6.46 -12.49 7.69
CA LEU A 169 -7.40 -11.39 7.87
C LEU A 169 -8.63 -11.56 7.00
N HIS A 170 -9.81 -11.23 7.55
CA HIS A 170 -10.95 -11.03 6.70
C HIS A 170 -10.73 -9.81 5.84
N GLU A 171 -11.42 -9.77 4.71
CA GLU A 171 -11.32 -8.61 3.83
C GLU A 171 -11.66 -7.32 4.57
N GLU A 172 -12.64 -7.37 5.50
CA GLU A 172 -12.99 -6.20 6.30
C GLU A 172 -11.78 -5.65 7.05
N GLU A 173 -11.00 -6.53 7.71
CA GLU A 173 -9.80 -6.07 8.41
C GLU A 173 -8.77 -5.55 7.44
N HIS A 174 -8.61 -6.22 6.30
CA HIS A 174 -7.64 -5.80 5.30
C HIS A 174 -7.92 -4.38 4.84
N VAL A 175 -9.18 -4.07 4.52
CA VAL A 175 -9.44 -2.74 3.96
C VAL A 175 -9.34 -1.68 5.04
N LEU A 176 -9.69 -2.02 6.29
CA LEU A 176 -9.53 -1.06 7.38
C LEU A 176 -8.07 -0.76 7.63
N LEU A 177 -7.23 -1.79 7.63
CA LEU A 177 -5.79 -1.60 7.80
C LEU A 177 -5.20 -0.71 6.73
N MET A 178 -5.60 -0.94 5.46
CA MET A 178 -5.11 -0.06 4.39
C MET A 178 -5.52 1.38 4.66
N ALA A 179 -6.77 1.59 5.12
CA ALA A 179 -7.24 2.95 5.31
C ALA A 179 -6.53 3.60 6.49
N ILE A 180 -6.38 2.84 7.58
CA ILE A 180 -5.62 3.31 8.74
C ILE A 180 -4.20 3.65 8.32
N CYS A 181 -3.60 2.80 7.49
CA CYS A 181 -2.24 3.07 6.99
C CYS A 181 -2.15 4.44 6.32
N ILE A 182 -3.13 4.78 5.46
CA ILE A 182 -3.09 6.02 4.71
C ILE A 182 -3.35 7.22 5.63
N VAL A 183 -4.41 7.15 6.46
CA VAL A 183 -4.77 8.32 7.24
C VAL A 183 -3.97 8.28 8.54
N SER A 184 -2.64 8.51 8.48
CA SER A 184 -1.84 8.52 9.71
C SER A 184 -1.39 9.92 10.03
N PRO A 185 -1.64 10.41 11.25
CA PRO A 185 -1.30 11.80 11.59
C PRO A 185 0.19 12.05 11.74
N ASP A 186 1.00 11.00 11.83
CA ASP A 186 2.43 11.12 12.09
C ASP A 186 3.25 11.06 10.80
N ARG A 187 2.64 11.34 9.67
CA ARG A 187 3.39 11.44 8.41
C ARG A 187 4.05 12.81 8.33
N PRO A 188 5.27 12.91 7.82
CA PRO A 188 5.92 14.21 7.78
C PRO A 188 5.20 15.09 6.76
N GLY A 189 5.06 16.37 7.10
CA GLY A 189 4.36 17.29 6.24
C GLY A 189 2.90 17.54 6.58
N VAL A 190 2.28 16.69 7.41
CA VAL A 190 0.85 16.85 7.69
C VAL A 190 0.63 18.17 8.40
N GLN A 191 -0.36 18.94 7.94
CA GLN A 191 -0.64 20.24 8.55
C GLN A 191 -1.73 20.16 9.61
N ASP A 192 -2.85 19.49 9.32
CA ASP A 192 -3.93 19.31 10.31
C ASP A 192 -3.87 17.90 10.87
N ALA A 193 -2.85 17.68 11.72
CA ALA A 193 -2.68 16.35 12.30
C ALA A 193 -3.87 15.95 13.16
N LYS A 194 -4.48 16.91 13.86
CA LYS A 194 -5.61 16.56 14.73
C LYS A 194 -6.79 16.06 13.91
N LEU A 195 -7.06 16.69 12.77
CA LEU A 195 -8.12 16.19 11.89
C LEU A 195 -7.78 14.80 11.36
N VAL A 196 -6.55 14.61 10.85
CA VAL A 196 -6.13 13.28 10.40
C VAL A 196 -6.28 12.25 11.50
N GLU A 197 -5.89 12.61 12.72
CA GLU A 197 -6.00 11.70 13.84
C GLU A 197 -7.45 11.35 14.15
N ALA A 198 -8.34 12.35 14.10
CA ALA A 198 -9.77 12.10 14.31
C ALA A 198 -10.33 11.11 13.30
N ILE A 199 -9.93 11.26 12.03
CA ILE A 199 -10.37 10.33 11.00
C ILE A 199 -9.83 8.93 11.30
N GLN A 200 -8.52 8.83 11.58
CA GLN A 200 -7.93 7.52 11.83
C GLN A 200 -8.52 6.88 13.08
N ASP A 201 -8.85 7.68 14.08
CA ASP A 201 -9.40 7.11 15.32
C ASP A 201 -10.73 6.41 15.04
N ARG A 202 -11.56 7.01 14.20
N ARG A 202 -11.53 6.96 14.13
CA ARG A 202 -12.82 6.37 13.84
CA ARG A 202 -12.83 6.37 13.83
C ARG A 202 -12.59 5.04 13.14
C ARG A 202 -12.70 5.11 13.01
N LEU A 203 -11.63 5.01 12.20
CA LEU A 203 -11.30 3.76 11.54
C LEU A 203 -10.75 2.74 12.53
N SER A 204 -9.87 3.20 13.43
CA SER A 204 -9.28 2.30 14.43
C SER A 204 -10.33 1.76 15.37
N ASN A 205 -11.30 2.60 15.77
N ASN A 205 -11.30 2.61 15.76
CA ASN A 205 -12.39 2.12 16.61
CA ASN A 205 -12.39 2.14 16.61
C ASN A 205 -13.23 1.08 15.88
C ASN A 205 -13.23 1.10 15.87
N THR A 206 -13.49 1.33 14.59
CA THR A 206 -14.25 0.37 13.80
C THR A 206 -13.52 -0.98 13.72
N LEU A 207 -12.21 -0.95 13.46
CA LEU A 207 -11.46 -2.19 13.38
C LEU A 207 -11.42 -2.91 14.73
N GLN A 208 -11.24 -2.17 15.84
CA GLN A 208 -11.18 -2.80 17.16
C GLN A 208 -12.51 -3.43 17.51
N THR A 209 -13.60 -2.79 17.12
CA THR A 209 -14.92 -3.34 17.38
C THR A 209 -15.18 -4.56 16.51
N TYR A 210 -14.77 -4.49 15.24
CA TYR A 210 -14.94 -5.65 14.37
C TYR A 210 -14.17 -6.86 14.91
N ILE A 211 -12.92 -6.66 15.33
CA ILE A 211 -12.16 -7.77 15.91
C ILE A 211 -12.88 -8.32 17.13
N ARG A 212 -13.38 -7.44 17.99
N ARG A 212 -13.34 -7.43 18.02
CA ARG A 212 -14.03 -7.87 19.23
CA ARG A 212 -14.05 -7.86 19.22
C ARG A 212 -15.34 -8.59 18.95
C ARG A 212 -15.30 -8.67 18.89
N CYS A 213 -15.99 -8.30 17.81
CA CYS A 213 -17.19 -9.04 17.42
C CYS A 213 -16.88 -10.46 17.01
N ARG A 214 -15.71 -10.68 16.42
CA ARG A 214 -15.36 -12.00 15.93
C ARG A 214 -14.52 -12.80 16.91
N HIS A 215 -13.86 -12.15 17.85
CA HIS A 215 -12.92 -12.89 18.68
C HIS A 215 -13.01 -12.49 20.14
N PRO A 216 -13.22 -13.44 21.06
CA PRO A 216 -13.14 -13.09 22.47
C PRO A 216 -11.70 -12.80 22.85
N PRO A 217 -11.47 -12.13 23.98
CA PRO A 217 -10.11 -11.96 24.49
C PRO A 217 -9.58 -13.28 25.02
N PRO A 218 -8.27 -13.46 25.13
CA PRO A 218 -7.26 -12.48 24.76
C PRO A 218 -6.96 -12.47 23.27
N GLY A 219 -7.56 -13.37 22.49
CA GLY A 219 -7.26 -13.44 21.08
C GLY A 219 -7.50 -12.14 20.36
N SER A 220 -8.55 -11.39 20.77
CA SER A 220 -8.85 -10.10 20.15
C SER A 220 -7.70 -9.13 20.33
N HIS A 221 -7.20 -8.99 21.56
CA HIS A 221 -6.09 -8.09 21.82
C HIS A 221 -4.84 -8.55 21.11
N GLN A 222 -4.57 -9.85 21.13
CA GLN A 222 -3.40 -10.37 20.42
C GLN A 222 -3.48 -10.07 18.92
N LEU A 223 -4.64 -10.27 18.31
CA LEU A 223 -4.77 -10.01 16.88
C LEU A 223 -4.58 -8.53 16.56
N TYR A 224 -5.27 -7.64 17.26
CA TYR A 224 -5.09 -6.21 17.03
C TYR A 224 -3.64 -5.80 17.25
N ALA A 225 -3.00 -6.35 18.29
CA ALA A 225 -1.59 -6.03 18.54
C ALA A 225 -0.72 -6.43 17.36
N LYS A 226 -1.00 -7.58 16.75
CA LYS A 226 -0.17 -7.99 15.60
C LYS A 226 -0.44 -7.10 14.37
N MET A 227 -1.66 -6.62 14.23
CA MET A 227 -1.98 -5.70 13.11
C MET A 227 -1.26 -4.37 13.29
N ILE A 228 -1.24 -3.85 14.51
CA ILE A 228 -0.46 -2.66 14.82
C ILE A 228 1.03 -2.87 14.52
N GLN A 229 1.57 -4.04 14.88
CA GLN A 229 2.98 -4.32 14.60
C GLN A 229 3.26 -4.30 13.10
N LYS A 230 2.31 -4.80 12.32
CA LYS A 230 2.41 -4.75 10.86
C LYS A 230 2.53 -3.33 10.33
N LEU A 231 1.73 -2.40 10.87
CA LEU A 231 1.85 -1.01 10.45
C LEU A 231 3.22 -0.45 10.80
N ALA A 232 3.77 -0.82 11.96
CA ALA A 232 5.14 -0.42 12.29
C ALA A 232 6.15 -1.02 11.31
N ASP A 233 5.99 -2.33 11.01
CA ASP A 233 6.87 -2.97 10.03
C ASP A 233 6.84 -2.22 8.70
N LEU A 234 5.67 -1.78 8.27
CA LEU A 234 5.54 -1.06 7.00
C LEU A 234 6.35 0.23 6.98
N ARG A 235 6.42 0.92 8.12
N ARG A 235 6.45 0.90 8.14
CA ARG A 235 7.23 2.14 8.18
CA ARG A 235 7.27 2.11 8.20
C ARG A 235 8.70 1.84 7.99
C ARG A 235 8.75 1.80 7.96
N SER A 236 9.17 0.71 8.53
N SER A 236 9.25 0.71 8.54
CA SER A 236 10.55 0.28 8.34
CA SER A 236 10.63 0.31 8.29
C SER A 236 10.81 -0.13 6.90
C SER A 236 10.84 -0.11 6.84
N LEU A 237 9.85 -0.80 6.26
CA LEU A 237 9.98 -1.17 4.86
C LEU A 237 9.98 0.07 3.98
N ASN A 238 9.17 1.06 4.35
CA ASN A 238 9.10 2.33 3.63
C ASN A 238 10.46 3.01 3.64
N GLU A 239 11.06 3.12 4.83
CA GLU A 239 12.38 3.74 4.95
C GLU A 239 13.41 3.02 4.09
N GLU A 240 13.42 1.68 4.11
CA GLU A 240 14.44 0.95 3.35
C GLU A 240 14.17 1.05 1.85
N HIS A 241 12.90 0.97 1.45
CA HIS A 241 12.60 1.22 0.04
C HIS A 241 13.07 2.59 -0.38
N SER A 242 12.83 3.60 0.47
N SER A 242 12.81 3.60 0.46
CA SER A 242 13.17 4.97 0.09
CA SER A 242 13.18 4.96 0.09
C SER A 242 14.67 5.13 -0.08
C SER A 242 14.68 5.07 -0.13
N LYS A 243 15.46 4.43 0.75
CA LYS A 243 16.90 4.48 0.59
C LYS A 243 17.34 3.85 -0.72
N GLN A 244 16.77 2.68 -1.04
CA GLN A 244 17.20 2.01 -2.25
C GLN A 244 16.64 2.70 -3.48
N TYR A 245 15.42 3.20 -3.39
CA TYR A 245 14.88 3.96 -4.53
C TYR A 245 15.74 5.19 -4.83
N ARG A 246 16.18 5.91 -3.80
N ARG A 246 16.17 5.91 -3.80
CA ARG A 246 16.98 7.10 -4.04
CA ARG A 246 16.98 7.10 -4.02
C ARG A 246 18.29 6.75 -4.74
C ARG A 246 18.28 6.75 -4.73
N SER A 247 18.94 5.67 -4.30
CA SER A 247 20.19 5.27 -4.93
C SER A 247 19.95 4.82 -6.37
N LEU A 248 18.87 4.08 -6.61
CA LEU A 248 18.62 3.60 -7.97
C LEU A 248 18.22 4.75 -8.89
N SER A 249 17.25 5.56 -8.47
CA SER A 249 16.74 6.61 -9.36
C SER A 249 17.75 7.73 -9.57
N PHE A 250 18.82 7.77 -8.77
CA PHE A 250 19.91 8.71 -9.03
C PHE A 250 20.62 8.42 -10.36
N GLN A 251 20.67 7.16 -10.80
CA GLN A 251 21.28 6.85 -12.10
C GLN A 251 20.27 7.17 -13.21
N PRO A 252 20.61 8.02 -14.17
CA PRO A 252 19.59 8.37 -15.18
C PRO A 252 19.20 7.19 -16.05
N GLU A 253 20.08 6.21 -16.24
CA GLU A 253 19.72 5.02 -17.01
C GLU A 253 18.61 4.21 -16.34
N ASN A 254 18.48 4.31 -15.02
CA ASN A 254 17.37 3.69 -14.29
C ASN A 254 16.12 4.57 -14.27
N SER A 255 16.25 5.86 -13.95
N SER A 255 16.26 5.85 -13.95
CA SER A 255 15.07 6.71 -13.93
CA SER A 255 15.08 6.72 -13.94
C SER A 255 14.44 6.83 -15.30
C SER A 255 14.40 6.71 -15.29
N MET A 256 15.20 6.55 -16.36
N MET A 256 15.19 6.56 -16.36
CA MET A 256 14.64 6.58 -17.70
CA MET A 256 14.64 6.55 -17.71
C MET A 256 13.66 5.44 -17.92
C MET A 256 13.63 5.45 -17.89
N LYS A 257 13.79 4.35 -17.15
CA LYS A 257 12.87 3.23 -17.23
C LYS A 257 11.66 3.38 -16.33
N LEU A 258 11.62 4.39 -15.47
CA LEU A 258 10.48 4.55 -14.56
C LEU A 258 9.33 5.21 -15.31
N THR A 259 8.21 5.49 -14.62
CA THR A 259 7.13 6.24 -15.22
C THR A 259 7.09 7.65 -14.65
N PRO A 260 6.43 8.59 -15.34
CA PRO A 260 6.32 9.93 -14.77
C PRO A 260 5.64 9.94 -13.42
N LEU A 261 4.59 9.13 -13.24
CA LEU A 261 3.88 9.15 -11.96
C LEU A 261 4.77 8.62 -10.83
N VAL A 262 5.56 7.57 -11.10
CA VAL A 262 6.47 7.06 -10.06
C VAL A 262 7.50 8.13 -9.70
N LEU A 263 8.06 8.80 -10.71
CA LEU A 263 9.05 9.83 -10.44
C LEU A 263 8.48 10.95 -9.58
N GLU A 264 7.25 11.37 -9.87
CA GLU A 264 6.61 12.41 -9.07
C GLU A 264 6.33 11.92 -7.64
N VAL A 265 5.66 10.78 -7.51
CA VAL A 265 5.19 10.38 -6.17
C VAL A 265 6.35 9.97 -5.29
N PHE A 266 7.29 9.17 -5.82
CA PHE A 266 8.40 8.67 -5.01
C PHE A 266 9.58 9.61 -4.99
N GLY A 267 9.71 10.51 -5.96
CA GLY A 267 10.71 11.56 -5.88
C GLY A 267 10.38 12.52 -4.77
N ASN A 268 11.19 13.58 -4.69
CA ASN A 268 11.01 14.66 -3.69
C ASN A 268 11.44 14.23 -2.29
N LYS B 1 8.80 21.54 -4.89
CA LYS B 1 8.14 20.66 -5.86
C LYS B 1 6.64 20.92 -5.90
N ASN B 2 6.03 20.50 -7.00
CA ASN B 2 4.59 20.39 -7.11
C ASN B 2 4.29 19.00 -7.67
N HIS B 3 3.02 18.62 -7.63
CA HIS B 3 2.60 17.27 -7.96
C HIS B 3 1.39 17.33 -8.85
N PRO B 4 1.54 17.85 -10.08
CA PRO B 4 0.36 18.01 -10.94
C PRO B 4 -0.30 16.69 -11.28
N MET B 5 0.45 15.59 -11.35
CA MET B 5 -0.16 14.32 -11.75
C MET B 5 -0.97 13.73 -10.61
N LEU B 6 -0.40 13.73 -9.40
CA LEU B 6 -1.10 13.26 -8.22
C LEU B 6 -2.32 14.13 -7.94
N MET B 7 -2.14 15.44 -8.02
CA MET B 7 -3.24 16.37 -7.85
C MET B 7 -4.33 16.11 -8.88
N ASN B 8 -3.95 15.92 -10.15
CA ASN B 8 -4.92 15.60 -11.19
C ASN B 8 -5.66 14.31 -10.89
N LEU B 9 -4.97 13.32 -10.31
CA LEU B 9 -5.61 12.05 -9.97
C LEU B 9 -6.51 12.20 -8.75
N LEU B 10 -6.18 13.16 -7.88
CA LEU B 10 -6.99 13.45 -6.72
C LEU B 10 -8.28 14.18 -7.11
N LYS B 11 -8.25 14.91 -8.21
CA LYS B 11 -9.39 15.65 -8.75
C LYS B 11 -10.10 14.86 -9.84
N ASP B 12 -10.38 13.59 -9.61
CA ASP B 12 -11.10 12.78 -10.60
C ASP B 12 -12.48 12.39 -10.09
C10 A1L75 C . 8.83 -3.68 -6.93
C10 A1L75 C . 8.83 -3.68 -6.94
C13 A1L75 C . 7.30 -3.47 -4.61
C13 A1L75 C . 7.28 -3.48 -4.62
C15 A1L75 C . 6.71 -7.58 -5.31
C15 A1L75 C . 6.69 -7.58 -5.32
C20 A1L75 C . -2.28 -5.50 -8.27
C20 A1L75 C . -2.39 -4.92 -8.41
C21 A1L75 C . -2.35 -3.98 -8.52
C21 A1L75 C . -3.70 -4.09 -8.16
C22 A1L75 C . -3.26 -3.30 -7.46
C22 A1L75 C . -4.87 -4.41 -9.16
C24 A1L75 C . 10.57 0.45 -7.48
C24 A1L75 C . 10.57 0.44 -7.49
C26 A1L75 C . 11.61 -0.32 -8.30
C26 A1L75 C . 11.61 -0.32 -8.30
C28 A1L75 C . 12.83 0.58 -8.54
C28 A1L75 C . 12.83 0.59 -8.53
C01 A1L75 C . 2.41 -7.08 -6.94
C01 A1L75 C . 2.34 -7.05 -6.98
C02 A1L75 C . 1.76 -5.87 -7.21
C02 A1L75 C . 1.69 -5.83 -7.24
C03 A1L75 C . 2.33 -4.66 -6.82
C03 A1L75 C . 2.30 -4.65 -6.84
C04 A1L75 C . 3.58 -4.66 -6.16
C04 A1L75 C . 3.55 -4.66 -6.19
C05 A1L75 C . 4.23 -5.87 -5.91
C05 A1L75 C . 4.19 -5.88 -5.92
C06 A1L75 C . 3.64 -7.07 -6.29
C06 A1L75 C . 3.58 -7.07 -6.32
C08 A1L75 C . 7.15 -4.56 -5.47
C08 A1L75 C . 7.12 -4.57 -5.48
C09 A1L75 C . 7.92 -4.68 -6.63
C09 A1L75 C . 7.91 -4.70 -6.64
C11 A1L75 C . 8.98 -2.59 -6.09
C11 A1L75 C . 8.97 -2.60 -6.09
C12 A1L75 C . 8.22 -2.47 -4.93
C12 A1L75 C . 8.20 -2.49 -4.94
C14 A1L75 C . 5.58 -5.71 -3.15
C14 A1L75 C . 5.56 -5.71 -3.16
C18 A1L75 C . -0.40 -6.63 -7.15
C18 A1L75 C . -0.62 -6.49 -7.34
C19 A1L75 C . -1.67 -5.83 -6.90
C19 A1L75 C . -1.84 -5.59 -7.13
C23 A1L75 C . 9.37 -0.51 -7.19
C23 A1L75 C . 9.37 -0.53 -7.18
C25 A1L75 C . 10.04 1.67 -8.26
C25 A1L75 C . 10.04 1.67 -8.26
C27 A1L75 C . 9.36 1.26 -9.57
C27 A1L75 C . 9.36 1.25 -9.57
C31 A1L75 C . 1.61 -3.31 -7.12
C31 A1L75 C . 1.61 -3.29 -7.14
C32 A1L75 C . 9.69 -3.77 -8.19
C32 A1L75 C . 9.68 -3.78 -8.19
C35 A1L75 C . 1.80 -8.42 -7.37
C35 A1L75 C . 1.71 -8.38 -7.40
C36 A1L75 C . 8.41 -1.26 -4.02
C36 A1L75 C . 8.39 -1.27 -4.02
O16 A1L75 C . 9.92 -1.56 -6.41
O16 A1L75 C . 9.93 -1.57 -6.41
O17 A1L75 C . 0.52 -5.85 -7.87
O17 A1L75 C . 0.46 -5.77 -7.91
O29 A1L75 C . 11.13 0.83 -6.28
O29 A1L75 C . 11.13 0.83 -6.28
O30 A1L75 C . -2.78 -2.99 -6.34
O30 A1L75 C . -4.88 -5.50 -9.80
O33 A1L75 C . -4.45 -3.05 -7.73
O33 A1L75 C . -5.82 -3.61 -9.38
O34 A1L75 C . -1.33 -4.70 -6.21
O34 A1L75 C . -1.44 -4.64 -6.22
SI07 A1L75 C . 5.91 -5.92 -4.99
SI07 A1L75 C . 5.88 -5.93 -5.01
#